data_5I58
#
_entry.id   5I58
#
_cell.length_a   53.919
_cell.length_b   86.425
_cell.length_c   122.628
_cell.angle_alpha   90.00
_cell.angle_beta   90.00
_cell.angle_gamma   90.00
#
_symmetry.space_group_name_H-M   'P 21 21 21'
#
loop_
_entity.id
_entity.type
_entity.pdbx_description
1 polymer 'Glutamate receptor ionotropic, NMDA 1,Glutamate receptor ionotropic, NMDA 1'
2 polymer 'Glutamate receptor ionotropic, NMDA 2A,Glutamate receptor ionotropic, NMDA 2A'
3 non-polymer GLYCINE
4 non-polymer 'GLUTAMIC ACID'
5 non-polymer 5-({[(3-chloro-4-fluorophenyl)sulfonyl]amino}methyl)-N-[(2-methyl-1,3-thiazol-5-yl)methyl]pyrazine-2-carboxamide
6 water water
#
loop_
_entity_poly.entity_id
_entity_poly.type
_entity_poly.pdbx_seq_one_letter_code
_entity_poly.pdbx_strand_id
1 'polypeptide(L)'
;GMSTRLKIVTIHQEPFVYVKPTMSDGTCKEEFTVNGDPVKKVICTGPNDTSPGSPRHTVPQCCYGFCIDLLIKLARTMNF
TYEVHLVADGKFGTQERVNNSNKKEWNGMMGELLSGQADMIVAPLTINNERAQYIEFSKPFKYQGLTILVKKGTRITGIN
DPRLRNPSDKFIYATVKQSSVDIYFRRQVELSTMYRHMEKHNYESAAEAIQAVRDNKLHAFIWDSAVLEFEASQKCDLVT
TGELFFRSGFGIGMRKDSPWKQNVSLSILKSHENGFMEDLDKTWVRYQECDS
;
A
2 'polypeptide(L)'
;SDDNHLSIVTLEEAPFVIVEDIDPLTETCVRNTVPCRKFVKINNSTNEGMNVKKCCKGFCIDILKKLSRTVKFTYDLYLV
TNGKHGKKVNNVWNGMIGEVVYQRAVMAVGSLTINEERSEVVDFSVPFVETGISVMVSRGTQVTGLSDKKFQRPHDYSPP
FRFGTVPNGSTERNIRNNYPYMHQYMTRFNQRGVEDALVSLKTGKLDAFIYDAAVLNYKAGRDEGCKLVTIGSGYIFATT
GYGIALQKGSPWKRQIDLALLQFVGDGEMEELETLWLTGIC
;
B
#
loop_
_chem_comp.id
_chem_comp.type
_chem_comp.name
_chem_comp.formula
67R non-polymer 5-({[(3-chloro-4-fluorophenyl)sulfonyl]amino}methyl)-N-[(2-methyl-1,3-thiazol-5-yl)methyl]pyrazine-2-carboxamide 'C17 H15 Cl F N5 O3 S2'
#
# COMPACT_ATOMS: atom_id res chain seq x y z
N SER A 3 -0.26 -11.06 -30.27
CA SER A 3 0.34 -11.89 -31.31
C SER A 3 1.05 -13.11 -30.70
N THR A 4 1.25 -13.08 -29.39
CA THR A 4 1.98 -14.14 -28.71
C THR A 4 1.39 -14.35 -27.32
N ARG A 5 1.66 -15.53 -26.76
CA ARG A 5 1.31 -15.81 -25.38
C ARG A 5 2.26 -15.08 -24.44
N LEU A 6 1.72 -14.55 -23.35
CA LEU A 6 2.55 -13.90 -22.35
C LEU A 6 3.26 -14.95 -21.49
N LYS A 7 4.56 -14.78 -21.32
CA LYS A 7 5.37 -15.71 -20.52
C LYS A 7 5.34 -15.24 -19.06
N ILE A 8 4.74 -16.04 -18.20
CA ILE A 8 4.58 -15.70 -16.79
C ILE A 8 5.63 -16.45 -15.98
N VAL A 9 6.48 -15.71 -15.27
CA VAL A 9 7.46 -16.28 -14.35
C VAL A 9 6.90 -16.22 -12.95
N THR A 10 6.98 -17.34 -12.23
CA THR A 10 6.49 -17.45 -10.88
C THR A 10 7.54 -18.15 -10.02
N ILE A 11 7.37 -18.06 -8.70
CA ILE A 11 8.29 -18.68 -7.76
C ILE A 11 7.47 -19.40 -6.70
N HIS A 12 8.03 -20.50 -6.19
CA HIS A 12 7.38 -21.29 -5.14
C HIS A 12 7.36 -20.48 -3.85
N GLN A 13 6.16 -20.08 -3.41
CA GLN A 13 6.03 -19.30 -2.17
C GLN A 13 4.56 -19.39 -1.72
N GLU A 14 4.28 -20.37 -0.86
CA GLU A 14 2.95 -20.53 -0.28
C GLU A 14 2.69 -19.38 0.71
N PRO A 15 1.42 -18.96 0.85
CA PRO A 15 0.22 -19.49 0.19
C PRO A 15 -0.03 -18.87 -1.18
N PHE A 16 0.85 -17.98 -1.60
CA PHE A 16 0.64 -17.28 -2.86
C PHE A 16 0.73 -18.23 -4.05
N VAL A 17 1.76 -19.07 -4.08
CA VAL A 17 1.97 -20.01 -5.18
C VAL A 17 2.38 -21.36 -4.58
N TYR A 18 1.53 -22.36 -4.75
CA TYR A 18 1.89 -23.74 -4.41
C TYR A 18 2.54 -24.41 -5.62
N VAL A 19 3.33 -25.44 -5.34
CA VAL A 19 4.01 -26.22 -6.38
C VAL A 19 3.83 -27.69 -6.05
N LYS A 20 3.11 -28.40 -6.91
CA LYS A 20 2.82 -29.82 -6.75
C LYS A 20 3.12 -30.54 -8.06
N PRO A 21 3.40 -31.84 -8.01
CA PRO A 21 3.67 -32.58 -9.24
C PRO A 21 2.42 -33.09 -9.92
N THR A 22 2.48 -33.15 -11.24
CA THR A 22 1.36 -33.64 -12.02
C THR A 22 1.12 -35.12 -11.74
N MET A 23 -0.14 -35.53 -11.90
CA MET A 23 -0.47 -36.94 -11.77
C MET A 23 0.10 -37.71 -12.96
N SER A 24 -0.07 -39.05 -12.93
CA SER A 24 0.47 -39.88 -13.98
C SER A 24 -0.10 -39.55 -15.36
N ASP A 25 -1.29 -38.94 -15.41
CA ASP A 25 -1.87 -38.53 -16.67
C ASP A 25 -1.24 -37.27 -17.24
N GLY A 26 -0.49 -36.52 -16.43
CA GLY A 26 0.10 -35.28 -16.86
C GLY A 26 -0.73 -34.05 -16.56
N THR A 27 -1.66 -34.13 -15.62
CA THR A 27 -2.54 -33.02 -15.29
C THR A 27 -2.68 -32.96 -13.77
N CYS A 28 -3.32 -31.90 -13.29
CA CYS A 28 -3.46 -31.66 -11.85
C CYS A 28 -4.76 -32.23 -11.31
N VAL A 39 -10.62 -25.13 -6.68
CA VAL A 39 -9.30 -24.58 -6.93
C VAL A 39 -9.06 -24.41 -8.43
N LYS A 40 -8.16 -23.50 -8.77
CA LYS A 40 -7.82 -23.18 -10.16
C LYS A 40 -6.35 -23.52 -10.36
N LYS A 41 -6.09 -24.53 -11.19
CA LYS A 41 -4.75 -25.03 -11.41
C LYS A 41 -4.29 -24.78 -12.85
N VAL A 42 -3.03 -24.38 -12.99
CA VAL A 42 -2.44 -24.11 -14.30
C VAL A 42 -1.12 -24.86 -14.39
N ILE A 43 -0.86 -25.47 -15.55
CA ILE A 43 0.39 -26.20 -15.76
C ILE A 43 1.55 -25.23 -15.78
N CYS A 44 2.54 -25.48 -14.93
CA CYS A 44 3.73 -24.64 -14.83
C CYS A 44 4.97 -25.50 -15.03
N THR A 45 5.89 -25.01 -15.86
CA THR A 45 7.13 -25.72 -16.15
C THR A 45 8.22 -25.24 -15.20
N GLY A 46 8.78 -26.16 -14.43
CA GLY A 46 9.80 -25.81 -13.47
C GLY A 46 10.89 -26.87 -13.35
N PRO A 47 12.08 -26.47 -12.90
CA PRO A 47 13.21 -27.40 -12.72
C PRO A 47 12.97 -28.37 -11.56
N VAL A 59 10.18 -30.36 -16.99
CA VAL A 59 9.27 -30.86 -15.97
C VAL A 59 8.02 -30.00 -15.90
N PRO A 60 6.87 -30.59 -16.26
CA PRO A 60 5.59 -29.90 -16.06
C PRO A 60 5.07 -30.13 -14.64
N GLN A 61 4.74 -29.06 -13.94
CA GLN A 61 4.25 -29.16 -12.57
C GLN A 61 2.86 -28.52 -12.46
N CYS A 62 2.40 -28.39 -11.23
CA CYS A 62 1.08 -27.86 -10.90
CA CYS A 62 1.10 -27.82 -10.95
C CYS A 62 1.24 -26.68 -9.97
N CYS A 63 0.69 -25.52 -10.34
CA CYS A 63 0.77 -24.31 -9.55
CA CYS A 63 0.75 -24.33 -9.52
C CYS A 63 -0.64 -23.78 -9.28
N TYR A 64 -0.85 -23.25 -8.08
CA TYR A 64 -2.12 -22.67 -7.69
C TYR A 64 -1.89 -21.82 -6.44
N GLY A 65 -2.86 -20.96 -6.15
CA GLY A 65 -2.81 -20.17 -4.94
C GLY A 65 -3.25 -18.74 -5.21
N PHE A 66 -2.80 -17.85 -4.32
CA PHE A 66 -3.18 -16.44 -4.39
C PHE A 66 -2.78 -15.82 -5.72
N CYS A 67 -1.47 -15.83 -6.02
CA CYS A 67 -0.98 -15.20 -7.24
C CYS A 67 -1.48 -15.88 -8.50
N ILE A 68 -1.88 -17.16 -8.41
CA ILE A 68 -2.40 -17.84 -9.58
C ILE A 68 -3.83 -17.44 -9.87
N ASP A 69 -4.66 -17.35 -8.82
CA ASP A 69 -6.01 -16.83 -9.00
C ASP A 69 -5.98 -15.39 -9.51
N LEU A 70 -5.01 -14.61 -9.03
CA LEU A 70 -4.90 -13.23 -9.49
C LEU A 70 -4.45 -13.17 -10.95
N LEU A 71 -3.56 -14.08 -11.36
CA LEU A 71 -3.18 -14.15 -12.77
C LEU A 71 -4.36 -14.54 -13.64
N ILE A 72 -5.17 -15.50 -13.17
CA ILE A 72 -6.35 -15.91 -13.93
C ILE A 72 -7.35 -14.77 -14.01
N LYS A 73 -7.48 -13.98 -12.94
CA LYS A 73 -8.37 -12.84 -12.98
C LYS A 73 -7.83 -11.75 -13.90
N LEU A 74 -6.51 -11.62 -13.99
CA LEU A 74 -5.92 -10.66 -14.92
C LEU A 74 -6.11 -11.13 -16.37
N ALA A 75 -6.12 -12.43 -16.60
CA ALA A 75 -6.10 -12.93 -17.98
C ALA A 75 -7.43 -12.74 -18.71
N ARG A 76 -8.55 -12.61 -17.99
CA ARG A 76 -9.82 -12.31 -18.64
C ARG A 76 -10.11 -10.83 -18.72
N THR A 77 -9.89 -10.13 -17.61
CA THR A 77 -10.06 -8.68 -17.60
C THR A 77 -9.34 -8.05 -18.78
N MET A 78 -8.19 -8.61 -19.16
CA MET A 78 -7.40 -8.12 -20.27
C MET A 78 -7.53 -8.98 -21.52
N ASN A 79 -8.05 -10.21 -21.38
CA ASN A 79 -8.24 -11.14 -22.50
C ASN A 79 -6.90 -11.41 -23.20
N PHE A 80 -6.06 -12.16 -22.51
CA PHE A 80 -4.79 -12.61 -23.06
C PHE A 80 -4.50 -14.03 -22.57
N THR A 81 -3.81 -14.79 -23.40
CA THR A 81 -3.37 -16.12 -23.05
C THR A 81 -1.95 -16.08 -22.47
N TYR A 82 -1.60 -17.11 -21.71
CA TYR A 82 -0.36 -17.09 -20.95
C TYR A 82 0.19 -18.50 -20.82
N GLU A 83 1.44 -18.58 -20.39
CA GLU A 83 2.09 -19.84 -20.02
C GLU A 83 2.94 -19.60 -18.79
N VAL A 84 2.69 -20.37 -17.74
CA VAL A 84 3.39 -20.19 -16.47
C VAL A 84 4.60 -21.12 -16.44
N HIS A 85 5.72 -20.60 -15.94
CA HIS A 85 6.90 -21.42 -15.70
C HIS A 85 7.66 -20.82 -14.53
N LEU A 86 8.19 -21.70 -13.67
CA LEU A 86 8.91 -21.26 -12.50
C LEU A 86 10.27 -20.70 -12.88
N VAL A 87 10.81 -19.83 -12.01
CA VAL A 87 12.10 -19.24 -12.26
C VAL A 87 13.18 -20.31 -12.17
N ALA A 88 14.20 -20.19 -13.03
CA ALA A 88 15.22 -21.23 -13.13
C ALA A 88 16.03 -21.35 -11.85
N ASP A 89 16.70 -20.27 -11.44
CA ASP A 89 17.57 -20.32 -10.27
C ASP A 89 16.81 -20.36 -8.95
N GLY A 90 15.49 -20.27 -8.97
CA GLY A 90 14.71 -20.36 -7.75
C GLY A 90 14.85 -19.19 -6.82
N LYS A 91 15.15 -18.00 -7.34
CA LYS A 91 15.33 -16.80 -6.53
C LYS A 91 14.37 -15.71 -6.99
N PHE A 92 14.22 -14.70 -6.14
CA PHE A 92 13.38 -13.55 -6.48
C PHE A 92 14.10 -12.63 -7.46
N GLY A 93 15.21 -12.03 -7.03
CA GLY A 93 15.98 -11.18 -7.92
C GLY A 93 16.76 -10.09 -7.22
N THR A 94 18.08 -10.14 -7.36
CA THR A 94 18.96 -9.08 -6.87
C THR A 94 19.99 -8.76 -7.95
N GLN A 95 20.62 -7.60 -7.81
CA GLN A 95 21.62 -7.12 -8.77
C GLN A 95 23.00 -7.31 -8.16
N GLU A 96 23.73 -8.30 -8.65
CA GLU A 96 25.09 -8.57 -8.21
C GLU A 96 26.09 -8.22 -9.30
N ARG A 97 27.29 -7.85 -8.88
CA ARG A 97 28.35 -7.50 -9.83
C ARG A 97 28.99 -8.76 -10.40
N VAL A 98 29.53 -8.64 -11.60
CA VAL A 98 30.11 -9.77 -12.30
C VAL A 98 31.58 -9.96 -11.93
N LYS A 104 27.38 -5.61 -13.37
CA LYS A 104 26.16 -5.85 -12.60
C LYS A 104 25.10 -6.53 -13.45
N GLU A 105 24.48 -7.57 -12.90
CA GLU A 105 23.38 -8.25 -13.56
C GLU A 105 22.36 -8.71 -12.53
N TRP A 106 21.12 -8.90 -12.99
CA TRP A 106 20.02 -9.32 -12.13
C TRP A 106 19.85 -10.82 -12.21
N ASN A 107 19.72 -11.46 -11.06
CA ASN A 107 19.42 -12.88 -10.97
C ASN A 107 17.94 -13.06 -10.66
N GLY A 108 17.54 -14.29 -10.35
CA GLY A 108 16.18 -14.57 -9.96
C GLY A 108 15.17 -14.26 -11.07
N MET A 109 13.96 -13.89 -10.64
CA MET A 109 12.92 -13.56 -11.60
C MET A 109 13.17 -12.23 -12.29
N MET A 110 13.90 -11.33 -11.64
CA MET A 110 14.19 -10.03 -12.23
C MET A 110 15.00 -10.17 -13.52
N GLY A 111 16.00 -11.05 -13.51
CA GLY A 111 16.83 -11.23 -14.69
C GLY A 111 16.06 -11.83 -15.85
N GLU A 112 15.17 -12.80 -15.56
CA GLU A 112 14.40 -13.42 -16.63
C GLU A 112 13.42 -12.43 -17.25
N LEU A 113 12.91 -11.47 -16.47
CA LEU A 113 12.02 -10.47 -17.04
C LEU A 113 12.77 -9.48 -17.92
N LEU A 114 14.00 -9.13 -17.52
CA LEU A 114 14.78 -8.15 -18.28
C LEU A 114 15.45 -8.77 -19.50
N SER A 115 15.71 -10.08 -19.47
CA SER A 115 16.40 -10.74 -20.58
C SER A 115 15.46 -11.18 -21.69
N GLY A 116 14.16 -11.27 -21.43
CA GLY A 116 13.20 -11.74 -22.39
C GLY A 116 12.63 -13.10 -22.10
N GLN A 117 13.22 -13.85 -21.16
CA GLN A 117 12.65 -15.14 -20.76
C GLN A 117 11.27 -14.97 -20.16
N ALA A 118 10.93 -13.78 -19.66
CA ALA A 118 9.64 -13.51 -19.07
C ALA A 118 9.06 -12.22 -19.66
N ASP A 119 7.74 -12.16 -19.74
CA ASP A 119 7.03 -10.95 -20.09
C ASP A 119 6.28 -10.35 -18.92
N MET A 120 6.18 -11.07 -17.79
CA MET A 120 5.43 -10.61 -16.65
C MET A 120 5.77 -11.44 -15.41
N ILE A 121 6.02 -10.77 -14.28
CA ILE A 121 6.32 -11.45 -13.02
C ILE A 121 5.06 -11.40 -12.16
N VAL A 122 4.40 -12.53 -12.02
CA VAL A 122 3.24 -12.68 -11.15
C VAL A 122 3.68 -13.50 -9.95
N ALA A 123 4.03 -12.82 -8.87
CA ALA A 123 4.59 -13.46 -7.68
C ALA A 123 4.58 -12.48 -6.52
N PRO A 124 4.81 -12.93 -5.28
CA PRO A 124 4.96 -11.97 -4.17
C PRO A 124 6.25 -11.18 -4.26
N LEU A 125 6.41 -10.42 -5.34
CA LEU A 125 7.62 -9.64 -5.58
C LEU A 125 7.53 -8.31 -4.87
N THR A 126 8.53 -8.02 -4.04
CA THR A 126 8.53 -6.80 -3.24
C THR A 126 8.93 -5.60 -4.08
N ILE A 127 8.21 -4.49 -3.91
CA ILE A 127 8.48 -3.25 -4.62
C ILE A 127 9.49 -2.45 -3.81
N ASN A 128 10.65 -2.18 -4.41
CA ASN A 128 11.68 -1.37 -3.77
C ASN A 128 12.30 -0.46 -4.83
N ASN A 129 13.34 0.27 -4.43
CA ASN A 129 13.92 1.28 -5.31
C ASN A 129 14.75 0.64 -6.43
N GLU A 130 15.63 -0.30 -6.07
CA GLU A 130 16.55 -0.86 -7.05
C GLU A 130 15.82 -1.61 -8.15
N ARG A 131 14.78 -2.38 -7.79
CA ARG A 131 14.03 -3.12 -8.79
C ARG A 131 13.24 -2.19 -9.68
N ALA A 132 12.64 -1.14 -9.12
CA ALA A 132 11.85 -0.21 -9.90
C ALA A 132 12.70 0.59 -10.88
N GLN A 133 14.01 0.71 -10.63
CA GLN A 133 14.89 1.39 -11.56
CA GLN A 133 14.87 1.41 -11.57
C GLN A 133 14.93 0.70 -12.92
N TYR A 134 14.79 -0.63 -12.93
CA TYR A 134 14.87 -1.41 -14.15
C TYR A 134 13.51 -1.88 -14.67
N ILE A 135 12.63 -2.37 -13.79
CA ILE A 135 11.34 -2.87 -14.22
C ILE A 135 10.23 -1.90 -13.81
N GLU A 136 9.00 -2.23 -14.18
CA GLU A 136 7.83 -1.40 -13.88
C GLU A 136 6.90 -2.19 -12.96
N PHE A 137 6.71 -1.69 -11.74
CA PHE A 137 5.80 -2.31 -10.80
C PHE A 137 4.39 -1.75 -10.97
N SER A 138 3.39 -2.62 -10.84
CA SER A 138 2.02 -2.19 -10.81
C SER A 138 1.68 -1.70 -9.39
N LYS A 139 0.48 -1.17 -9.23
CA LYS A 139 0.01 -0.80 -7.91
C LYS A 139 -0.03 -2.04 -7.02
N PRO A 140 0.31 -1.93 -5.73
CA PRO A 140 0.46 -3.12 -4.89
C PRO A 140 -0.85 -3.88 -4.75
N PHE A 141 -0.80 -5.19 -5.06
CA PHE A 141 -1.93 -6.06 -4.83
C PHE A 141 -1.94 -6.65 -3.43
N LYS A 142 -0.87 -6.45 -2.65
CA LYS A 142 -0.81 -6.96 -1.30
C LYS A 142 0.02 -6.00 -0.46
N TYR A 143 -0.59 -5.43 0.58
CA TYR A 143 0.11 -4.59 1.53
C TYR A 143 0.45 -5.41 2.77
N GLN A 144 1.73 -5.39 3.17
CA GLN A 144 2.17 -6.17 4.32
C GLN A 144 3.46 -5.56 4.85
N GLY A 145 4.35 -6.40 5.35
CA GLY A 145 5.61 -5.91 5.88
C GLY A 145 6.54 -7.05 6.26
N LEU A 146 7.61 -6.69 6.95
CA LEU A 146 8.62 -7.64 7.40
C LEU A 146 8.44 -7.95 8.87
N THR A 147 8.57 -9.23 9.23
CA THR A 147 8.52 -9.66 10.61
C THR A 147 9.61 -10.70 10.83
N ILE A 148 9.58 -11.36 11.98
CA ILE A 148 10.58 -12.36 12.34
C ILE A 148 9.86 -13.63 12.80
N LEU A 149 10.21 -14.76 12.19
CA LEU A 149 9.65 -16.06 12.54
C LEU A 149 10.65 -16.82 13.39
N VAL A 150 10.18 -17.38 14.51
CA VAL A 150 11.03 -18.12 15.45
C VAL A 150 10.31 -19.38 15.89
N LYS A 151 11.07 -20.29 16.49
CA LYS A 151 10.49 -21.47 17.12
C LYS A 151 9.79 -21.08 18.40
N LYS A 152 8.56 -21.55 18.57
CA LYS A 152 7.77 -21.18 19.75
C LYS A 152 8.46 -21.66 21.02
N GLY A 153 8.73 -20.72 21.92
CA GLY A 153 9.55 -20.95 23.08
C GLY A 153 10.81 -20.10 23.12
N THR A 154 11.21 -19.53 21.98
CA THR A 154 12.34 -18.61 21.90
C THR A 154 11.81 -17.18 21.92
N ARG A 155 12.41 -16.35 22.75
CA ARG A 155 11.90 -15.00 23.02
C ARG A 155 12.91 -13.97 22.54
N ILE A 156 12.46 -13.10 21.63
CA ILE A 156 13.21 -11.92 21.23
C ILE A 156 12.22 -10.76 21.13
N THR A 157 12.66 -9.58 21.57
CA THR A 157 11.78 -8.42 21.58
C THR A 157 11.37 -8.02 20.17
N GLY A 158 12.32 -8.02 19.23
CA GLY A 158 12.01 -7.66 17.86
C GLY A 158 13.27 -7.52 17.03
N ILE A 159 13.20 -6.63 16.04
CA ILE A 159 14.36 -6.38 15.20
C ILE A 159 15.48 -5.69 15.96
N ASN A 160 15.16 -5.03 17.07
CA ASN A 160 16.14 -4.34 17.89
C ASN A 160 16.59 -5.17 19.09
N ASP A 161 16.39 -6.48 19.05
CA ASP A 161 16.85 -7.34 20.13
C ASP A 161 18.38 -7.39 20.14
N PRO A 162 19.01 -7.42 21.31
CA PRO A 162 20.48 -7.48 21.34
C PRO A 162 21.05 -8.73 20.69
N ARG A 163 20.29 -9.83 20.67
CA ARG A 163 20.76 -11.04 19.99
C ARG A 163 20.79 -10.90 18.49
N LEU A 164 20.14 -9.88 17.93
CA LEU A 164 20.21 -9.55 16.51
C LEU A 164 21.07 -8.33 16.22
N ARG A 165 21.00 -7.30 17.06
CA ARG A 165 21.80 -6.10 16.84
C ARG A 165 23.28 -6.38 17.04
N ASN A 166 23.64 -7.00 18.16
CA ASN A 166 25.01 -7.44 18.41
C ASN A 166 25.05 -8.95 18.34
N PRO A 167 25.13 -9.53 17.14
CA PRO A 167 24.91 -10.97 16.99
C PRO A 167 26.11 -11.80 17.41
N SER A 168 25.83 -13.06 17.69
CA SER A 168 26.84 -14.06 17.99
C SER A 168 26.41 -15.38 17.37
N ASP A 169 27.40 -16.24 17.10
CA ASP A 169 27.08 -17.55 16.56
C ASP A 169 26.32 -18.43 17.55
N LYS A 170 25.97 -17.90 18.72
CA LYS A 170 25.10 -18.60 19.65
C LYS A 170 23.64 -18.49 19.21
N PHE A 171 23.27 -17.38 18.59
CA PHE A 171 21.91 -17.12 18.11
C PHE A 171 21.99 -16.89 16.61
N ILE A 172 21.44 -17.83 15.83
CA ILE A 172 21.58 -17.84 14.38
C ILE A 172 20.29 -17.34 13.75
N TYR A 173 20.38 -16.28 12.95
CA TYR A 173 19.25 -15.76 12.20
C TYR A 173 19.72 -15.43 10.79
N ALA A 174 18.77 -15.44 9.85
CA ALA A 174 19.10 -15.23 8.44
C ALA A 174 17.82 -14.90 7.69
N THR A 175 17.97 -14.72 6.38
CA THR A 175 16.85 -14.49 5.48
C THR A 175 17.08 -15.34 4.23
N VAL A 176 16.41 -14.98 3.14
CA VAL A 176 16.53 -15.72 1.88
C VAL A 176 17.58 -15.05 1.02
N LYS A 177 18.45 -15.87 0.41
CA LYS A 177 19.45 -15.35 -0.51
C LYS A 177 18.77 -14.70 -1.72
N GLN A 178 19.39 -13.62 -2.22
CA GLN A 178 18.97 -12.97 -3.45
C GLN A 178 17.49 -12.58 -3.41
N SER A 179 17.10 -11.96 -2.30
CA SER A 179 15.72 -11.53 -2.08
C SER A 179 15.71 -10.04 -1.75
N SER A 180 14.51 -9.50 -1.54
CA SER A 180 14.38 -8.10 -1.18
C SER A 180 14.81 -7.84 0.26
N VAL A 181 14.62 -8.82 1.14
CA VAL A 181 15.10 -8.69 2.51
C VAL A 181 16.62 -8.65 2.55
N ASP A 182 17.26 -9.40 1.64
CA ASP A 182 18.72 -9.34 1.54
C ASP A 182 19.18 -7.96 1.08
N ILE A 183 18.45 -7.33 0.17
CA ILE A 183 18.76 -5.98 -0.26
C ILE A 183 18.58 -5.00 0.89
N TYR A 184 17.57 -5.25 1.74
CA TYR A 184 17.23 -4.29 2.79
C TYR A 184 18.33 -4.19 3.85
N PHE A 185 18.97 -5.31 4.18
CA PHE A 185 19.96 -5.32 5.24
C PHE A 185 21.35 -4.91 4.77
N ARG A 186 21.58 -4.80 3.46
CA ARG A 186 22.91 -4.49 2.96
C ARG A 186 23.06 -3.06 2.44
N ARG A 187 21.97 -2.37 2.15
CA ARG A 187 22.04 -1.03 1.57
C ARG A 187 22.15 0.07 2.62
N GLN A 188 22.35 -0.29 3.88
CA GLN A 188 22.49 0.67 4.97
C GLN A 188 23.68 0.25 5.81
N VAL A 189 24.68 1.14 5.92
CA VAL A 189 25.92 0.79 6.61
C VAL A 189 25.69 0.55 8.10
N GLU A 190 24.58 1.04 8.66
CA GLU A 190 24.29 0.79 10.07
C GLU A 190 23.89 -0.66 10.31
N LEU A 191 23.15 -1.24 9.36
CA LEU A 191 22.76 -2.65 9.43
C LEU A 191 23.83 -3.58 8.86
N SER A 192 25.08 -3.13 8.81
CA SER A 192 26.13 -3.92 8.17
C SER A 192 26.44 -5.19 8.93
N THR A 193 26.30 -5.18 10.25
CA THR A 193 26.64 -6.36 11.03
C THR A 193 25.47 -7.34 11.13
N MET A 194 24.25 -6.84 11.30
CA MET A 194 23.08 -7.71 11.22
C MET A 194 23.07 -8.47 9.89
N TYR A 195 23.69 -7.90 8.86
CA TYR A 195 23.71 -8.52 7.54
C TYR A 195 24.82 -9.55 7.40
N ARG A 196 25.97 -9.33 8.06
CA ARG A 196 27.10 -10.23 7.87
C ARG A 196 26.87 -11.57 8.56
N HIS A 197 26.28 -11.56 9.75
CA HIS A 197 25.92 -12.82 10.40
C HIS A 197 24.90 -13.59 9.59
N MET A 198 23.98 -12.89 8.91
CA MET A 198 23.07 -13.54 7.98
C MET A 198 23.77 -13.94 6.68
N GLU A 199 24.83 -13.20 6.31
CA GLU A 199 25.53 -13.46 5.07
C GLU A 199 26.07 -14.89 5.00
N LYS A 200 26.34 -15.50 6.16
CA LYS A 200 26.83 -16.87 6.22
C LYS A 200 25.72 -17.90 6.44
N HIS A 201 24.53 -17.46 6.86
CA HIS A 201 23.45 -18.37 7.21
C HIS A 201 22.24 -18.27 6.31
N ASN A 202 22.27 -17.41 5.28
CA ASN A 202 21.10 -17.24 4.42
C ASN A 202 20.79 -18.53 3.67
N TYR A 203 19.52 -18.69 3.31
CA TYR A 203 19.01 -19.91 2.70
C TYR A 203 18.62 -19.67 1.24
N GLU A 204 18.59 -20.76 0.48
CA GLU A 204 18.27 -20.67 -0.94
C GLU A 204 16.80 -20.40 -1.19
N SER A 205 15.93 -20.88 -0.29
CA SER A 205 14.50 -20.65 -0.43
C SER A 205 13.88 -20.45 0.95
N ALA A 206 12.67 -19.90 0.97
CA ALA A 206 11.99 -19.66 2.23
C ALA A 206 11.57 -20.97 2.90
N ALA A 207 11.15 -21.95 2.10
CA ALA A 207 10.68 -23.21 2.67
C ALA A 207 11.78 -23.92 3.44
N GLU A 208 13.02 -23.86 2.94
CA GLU A 208 14.13 -24.47 3.67
C GLU A 208 14.39 -23.75 4.99
N ALA A 209 14.29 -22.42 4.98
CA ALA A 209 14.59 -21.66 6.20
C ALA A 209 13.50 -21.84 7.25
N ILE A 210 12.25 -22.01 6.84
CA ILE A 210 11.15 -22.12 7.80
C ILE A 210 11.21 -23.45 8.54
N GLN A 211 11.39 -24.55 7.79
CA GLN A 211 11.53 -25.84 8.43
C GLN A 211 12.84 -25.96 9.21
N ALA A 212 13.86 -25.20 8.80
CA ALA A 212 15.11 -25.17 9.56
C ALA A 212 14.90 -24.57 10.94
N VAL A 213 13.94 -23.64 11.06
CA VAL A 213 13.61 -23.10 12.38
C VAL A 213 12.92 -24.17 13.24
N ARG A 214 12.12 -25.04 12.61
CA ARG A 214 11.47 -26.10 13.35
C ARG A 214 12.47 -27.13 13.85
N ASP A 215 13.49 -27.44 13.05
CA ASP A 215 14.55 -28.34 13.47
C ASP A 215 15.54 -27.69 14.43
N ASN A 216 15.31 -26.42 14.79
CA ASN A 216 16.02 -25.75 15.89
C ASN A 216 17.51 -25.56 15.59
N LYS A 217 17.86 -25.37 14.33
CA LYS A 217 19.20 -24.90 13.96
C LYS A 217 19.17 -23.57 13.22
N LEU A 218 17.99 -23.06 12.90
CA LEU A 218 17.77 -21.67 12.52
C LEU A 218 16.93 -21.04 13.63
N HIS A 219 17.49 -20.06 14.34
CA HIS A 219 16.81 -19.53 15.51
C HIS A 219 15.85 -18.39 15.19
N ALA A 220 15.99 -17.75 14.02
CA ALA A 220 15.08 -16.67 13.65
C ALA A 220 15.11 -16.52 12.13
N PHE A 221 13.93 -16.34 11.55
CA PHE A 221 13.78 -16.13 10.11
C PHE A 221 13.14 -14.77 9.88
N ILE A 222 13.86 -13.89 9.18
CA ILE A 222 13.38 -12.56 8.85
C ILE A 222 12.83 -12.61 7.43
N TRP A 223 11.51 -12.54 7.29
CA TRP A 223 10.86 -12.66 6.00
C TRP A 223 9.57 -11.85 6.04
N ASP A 224 8.89 -11.81 4.89
CA ASP A 224 7.66 -11.02 4.79
C ASP A 224 6.57 -11.62 5.67
N SER A 225 5.77 -10.72 6.27
CA SER A 225 4.75 -11.17 7.23
C SER A 225 3.61 -11.92 6.56
N ALA A 226 3.31 -11.60 5.29
CA ALA A 226 2.23 -12.29 4.58
C ALA A 226 2.49 -13.78 4.45
N VAL A 227 3.75 -14.21 4.52
CA VAL A 227 4.11 -15.61 4.45
C VAL A 227 4.36 -16.20 5.83
N LEU A 228 5.05 -15.46 6.70
CA LEU A 228 5.48 -16.01 7.99
C LEU A 228 4.29 -16.26 8.91
N GLU A 229 3.50 -15.22 9.20
CA GLU A 229 2.39 -15.37 10.14
C GLU A 229 1.34 -16.33 9.62
N PHE A 230 1.19 -16.43 8.31
CA PHE A 230 0.24 -17.38 7.75
C PHE A 230 0.67 -18.81 8.04
N GLU A 231 1.96 -19.11 7.89
CA GLU A 231 2.47 -20.44 8.21
C GLU A 231 2.54 -20.68 9.71
N ALA A 232 2.63 -19.62 10.51
CA ALA A 232 2.48 -19.76 11.95
C ALA A 232 1.05 -20.10 12.34
N SER A 233 0.08 -19.80 11.47
CA SER A 233 -1.31 -20.15 11.71
C SER A 233 -1.64 -21.57 11.28
N GLN A 234 -0.74 -22.24 10.55
CA GLN A 234 -0.94 -23.62 10.15
C GLN A 234 0.00 -24.58 10.86
N LYS A 235 1.11 -24.10 11.41
CA LYS A 235 2.06 -24.92 12.16
C LYS A 235 2.21 -24.28 13.53
N CYS A 236 1.47 -24.80 14.51
CA CYS A 236 1.42 -24.23 15.86
C CYS A 236 2.66 -24.54 16.69
N ASP A 237 3.84 -24.54 16.06
CA ASP A 237 5.10 -24.64 16.78
C ASP A 237 6.02 -23.47 16.49
N LEU A 238 5.61 -22.53 15.64
CA LEU A 238 6.37 -21.31 15.37
C LEU A 238 5.48 -20.09 15.59
N VAL A 239 6.13 -18.97 15.89
CA VAL A 239 5.43 -17.74 16.24
C VAL A 239 6.20 -16.57 15.62
N THR A 240 5.45 -15.59 15.12
CA THR A 240 6.05 -14.34 14.64
C THR A 240 6.11 -13.34 15.78
N THR A 241 7.21 -12.59 15.84
CA THR A 241 7.47 -11.67 16.93
C THR A 241 7.77 -10.28 16.38
N GLY A 242 7.64 -9.29 17.26
CA GLY A 242 7.95 -7.92 16.92
C GLY A 242 6.99 -7.24 15.97
N GLU A 243 5.99 -7.94 15.47
CA GLU A 243 5.02 -7.43 14.49
C GLU A 243 5.83 -6.95 13.26
N LEU A 244 5.43 -5.85 12.63
CA LEU A 244 6.11 -5.34 11.45
C LEU A 244 7.11 -4.28 11.87
N PHE A 245 8.38 -4.51 11.54
CA PHE A 245 9.42 -3.51 11.75
C PHE A 245 9.73 -2.72 10.49
N PHE A 246 9.10 -3.06 9.36
CA PHE A 246 9.28 -2.35 8.10
C PHE A 246 8.17 -2.78 7.15
N ARG A 247 7.56 -1.81 6.48
CA ARG A 247 6.45 -2.07 5.58
C ARG A 247 6.95 -2.29 4.16
N SER A 248 6.31 -3.24 3.47
CA SER A 248 6.62 -3.52 2.07
C SER A 248 5.39 -4.13 1.42
N GLY A 249 5.33 -4.03 0.09
CA GLY A 249 4.18 -4.50 -0.65
C GLY A 249 4.59 -5.35 -1.84
N PHE A 250 3.60 -6.02 -2.42
CA PHE A 250 3.79 -6.91 -3.55
C PHE A 250 3.12 -6.34 -4.79
N GLY A 251 3.85 -6.29 -5.89
CA GLY A 251 3.32 -5.77 -7.13
C GLY A 251 3.69 -6.65 -8.30
N ILE A 252 2.89 -6.54 -9.37
CA ILE A 252 3.14 -7.31 -10.58
C ILE A 252 4.38 -6.76 -11.28
N GLY A 253 5.25 -7.66 -11.73
CA GLY A 253 6.48 -7.27 -12.40
C GLY A 253 6.29 -7.20 -13.90
N MET A 254 6.67 -6.05 -14.47
CA MET A 254 6.60 -5.83 -15.91
C MET A 254 7.80 -5.01 -16.34
N ARG A 255 8.16 -5.14 -17.61
CA ARG A 255 9.25 -4.34 -18.16
C ARG A 255 8.81 -2.90 -18.34
N LYS A 256 9.75 -2.06 -18.77
CA LYS A 256 9.46 -0.65 -18.98
C LYS A 256 8.52 -0.40 -20.14
N ASP A 257 8.34 -1.37 -21.04
CA ASP A 257 7.58 -1.15 -22.26
C ASP A 257 6.35 -2.05 -22.39
N SER A 258 6.07 -2.89 -21.42
CA SER A 258 4.88 -3.72 -21.41
C SER A 258 3.63 -2.85 -21.58
N PRO A 259 2.82 -3.07 -22.62
CA PRO A 259 1.64 -2.21 -22.82
C PRO A 259 0.43 -2.67 -22.02
N TRP A 260 0.68 -3.39 -20.92
CA TRP A 260 -0.36 -3.81 -20.00
C TRP A 260 -0.29 -3.10 -18.66
N LYS A 261 0.76 -2.31 -18.41
CA LYS A 261 0.96 -1.69 -17.11
C LYS A 261 -0.24 -0.86 -16.70
N GLN A 262 -0.74 -0.03 -17.61
CA GLN A 262 -1.89 0.81 -17.30
C GLN A 262 -3.11 -0.02 -16.92
N ASN A 263 -3.31 -1.15 -17.58
CA ASN A 263 -4.47 -1.98 -17.31
C ASN A 263 -4.24 -2.99 -16.18
N VAL A 264 -2.99 -3.40 -15.95
CA VAL A 264 -2.70 -4.26 -14.80
C VAL A 264 -2.95 -3.51 -13.50
N SER A 265 -2.46 -2.26 -13.42
CA SER A 265 -2.65 -1.47 -12.22
C SER A 265 -4.11 -1.14 -11.99
N LEU A 266 -4.84 -0.81 -13.05
CA LEU A 266 -6.26 -0.52 -12.92
C LEU A 266 -7.03 -1.75 -12.46
N SER A 267 -6.64 -2.93 -12.96
CA SER A 267 -7.31 -4.16 -12.54
CA SER A 267 -7.31 -4.16 -12.54
C SER A 267 -7.03 -4.46 -11.07
N ILE A 268 -5.81 -4.20 -10.61
CA ILE A 268 -5.48 -4.41 -9.20
CA ILE A 268 -5.48 -4.41 -9.21
C ILE A 268 -6.25 -3.43 -8.32
N LEU A 269 -6.26 -2.16 -8.70
CA LEU A 269 -7.02 -1.17 -7.94
C LEU A 269 -8.50 -1.52 -7.91
N LYS A 270 -9.05 -1.95 -9.05
CA LYS A 270 -10.44 -2.39 -9.08
C LYS A 270 -10.64 -3.64 -8.23
N SER A 271 -9.66 -4.56 -8.26
CA SER A 271 -9.76 -5.77 -7.45
C SER A 271 -9.71 -5.47 -5.96
N HIS A 272 -9.00 -4.42 -5.57
CA HIS A 272 -8.99 -4.02 -4.15
C HIS A 272 -10.34 -3.48 -3.72
N GLU A 273 -10.99 -2.68 -4.57
CA GLU A 273 -12.20 -1.98 -4.18
C GLU A 273 -13.41 -2.91 -4.12
N ASN A 274 -13.57 -3.77 -5.12
CA ASN A 274 -14.75 -4.64 -5.17
C ASN A 274 -14.70 -5.78 -4.16
N GLY A 275 -13.86 -5.67 -3.12
CA GLY A 275 -13.79 -6.69 -2.08
C GLY A 275 -13.34 -8.05 -2.58
N PHE A 276 -12.75 -8.10 -3.77
CA PHE A 276 -12.38 -9.36 -4.40
C PHE A 276 -10.99 -9.81 -4.01
N MET A 277 -10.03 -8.88 -3.88
CA MET A 277 -8.75 -9.24 -3.27
C MET A 277 -8.95 -9.74 -1.85
N GLU A 278 -9.96 -9.23 -1.16
CA GLU A 278 -10.29 -9.71 0.17
C GLU A 278 -10.80 -11.15 0.14
N ASP A 279 -11.45 -11.55 -0.95
CA ASP A 279 -11.85 -12.95 -1.10
C ASP A 279 -10.64 -13.86 -1.18
N LEU A 280 -9.61 -13.44 -1.92
CA LEU A 280 -8.40 -14.24 -2.03
C LEU A 280 -7.67 -14.32 -0.70
N ASP A 281 -7.66 -13.22 0.06
CA ASP A 281 -6.98 -13.21 1.35
C ASP A 281 -7.63 -14.16 2.33
N LYS A 282 -8.95 -14.33 2.26
CA LYS A 282 -9.62 -15.32 3.09
C LYS A 282 -9.50 -16.72 2.51
N THR A 283 -9.35 -16.83 1.19
CA THR A 283 -9.28 -18.14 0.55
C THR A 283 -7.92 -18.79 0.80
N TRP A 284 -6.84 -18.02 0.63
CA TRP A 284 -5.48 -18.55 0.70
C TRP A 284 -4.73 -18.12 1.94
N VAL A 285 -4.76 -16.84 2.29
CA VAL A 285 -4.03 -16.36 3.46
C VAL A 285 -4.90 -16.48 4.71
N ASP B 3 9.94 25.52 -16.70
CA ASP B 3 9.22 24.33 -16.27
C ASP B 3 9.88 23.68 -15.06
N ASN B 4 10.97 24.29 -14.60
CA ASN B 4 11.57 23.87 -13.33
C ASN B 4 10.70 24.28 -12.14
N HIS B 5 9.75 25.18 -12.36
CA HIS B 5 8.81 25.63 -11.35
C HIS B 5 7.45 25.02 -11.65
N LEU B 6 6.90 24.31 -10.68
CA LEU B 6 5.66 23.56 -10.88
C LEU B 6 4.54 24.17 -10.04
N SER B 7 3.31 23.99 -10.53
CA SER B 7 2.11 24.37 -9.80
C SER B 7 1.57 23.13 -9.09
N ILE B 8 1.46 23.20 -7.77
CA ILE B 8 1.11 22.06 -6.94
C ILE B 8 -0.09 22.42 -6.07
N VAL B 9 -1.08 21.54 -6.05
CA VAL B 9 -2.30 21.76 -5.28
C VAL B 9 -2.30 20.82 -4.08
N THR B 10 -2.89 21.29 -2.97
CA THR B 10 -2.99 20.50 -1.76
C THR B 10 -4.31 20.81 -1.06
N LEU B 11 -4.63 20.02 -0.05
CA LEU B 11 -5.85 20.16 0.71
C LEU B 11 -5.58 19.86 2.17
N GLU B 12 -6.17 20.66 3.06
CA GLU B 12 -5.90 20.53 4.49
C GLU B 12 -6.64 19.33 5.07
N GLU B 13 -5.88 18.45 5.72
CA GLU B 13 -6.43 17.35 6.52
C GLU B 13 -5.35 16.80 7.43
N ALA B 14 -5.43 17.13 8.72
CA ALA B 14 -4.43 16.72 9.69
C ALA B 14 -4.34 15.20 9.79
N PRO B 15 -3.13 14.68 10.03
CA PRO B 15 -1.88 15.43 10.21
C PRO B 15 -1.04 15.50 8.94
N PHE B 16 -1.65 15.23 7.79
CA PHE B 16 -0.89 15.19 6.55
C PHE B 16 -0.66 16.58 5.98
N VAL B 17 -1.68 17.43 5.99
CA VAL B 17 -1.55 18.82 5.56
C VAL B 17 -2.26 19.68 6.60
N ILE B 18 -1.50 20.57 7.25
CA ILE B 18 -2.03 21.46 8.28
C ILE B 18 -1.72 22.89 7.86
N VAL B 19 -2.75 23.75 7.88
CA VAL B 19 -2.63 25.13 7.45
C VAL B 19 -2.84 26.04 8.66
N GLU B 20 -1.96 27.02 8.82
CA GLU B 20 -2.06 28.00 9.88
C GLU B 20 -1.94 29.40 9.29
N ASP B 21 -2.54 30.37 9.98
CA ASP B 21 -2.45 31.75 9.56
C ASP B 21 -1.00 32.25 9.67
N ILE B 22 -0.65 33.18 8.80
CA ILE B 22 0.74 33.64 8.68
C ILE B 22 1.01 34.74 9.70
N ASP B 23 2.28 35.07 9.90
CA ASP B 23 2.68 36.18 10.74
C ASP B 23 2.09 37.47 10.20
N PRO B 24 1.24 38.17 10.96
CA PRO B 24 0.54 39.39 10.50
C PRO B 24 1.50 40.48 10.02
N GLU B 27 6.54 38.11 8.98
CA GLU B 27 5.67 38.19 7.83
C GLU B 27 5.73 36.90 7.01
N THR B 28 6.79 36.13 7.21
CA THR B 28 7.07 34.95 6.42
C THR B 28 6.64 33.67 7.14
N CYS B 29 6.62 32.57 6.39
CA CYS B 29 6.34 31.26 6.95
CA CYS B 29 6.34 31.26 6.95
C CYS B 29 7.61 30.72 7.60
N VAL B 30 7.57 30.52 8.92
CA VAL B 30 8.74 30.11 9.69
C VAL B 30 8.74 28.60 9.87
N ARG B 31 9.46 28.15 10.91
CA ARG B 31 9.59 26.75 11.34
C ARG B 31 9.60 25.76 10.18
N ASN B 32 8.86 24.65 10.33
CA ASN B 32 8.80 23.60 9.32
C ASN B 32 7.67 23.80 8.33
N THR B 33 7.19 25.03 8.15
CA THR B 33 6.05 25.33 7.31
C THR B 33 6.51 25.82 5.94
N VAL B 34 5.64 25.64 4.95
CA VAL B 34 5.90 26.02 3.57
C VAL B 34 4.82 26.99 3.11
N PRO B 35 5.17 28.06 2.40
CA PRO B 35 4.14 29.00 1.92
C PRO B 35 3.14 28.32 1.00
N CYS B 36 1.86 28.55 1.29
CA CYS B 36 0.77 28.01 0.47
C CYS B 36 -0.35 29.03 0.42
N ARG B 37 -0.83 29.31 -0.79
CA ARG B 37 -1.87 30.31 -1.00
C ARG B 37 -3.25 29.65 -1.07
N LYS B 38 -4.27 30.47 -0.86
CA LYS B 38 -5.66 30.02 -0.90
C LYS B 38 -6.51 31.12 -1.49
N PHE B 39 -7.10 30.86 -2.65
CA PHE B 39 -7.95 31.84 -3.31
C PHE B 39 -9.24 32.01 -2.52
N VAL B 40 -9.46 33.21 -1.98
CA VAL B 40 -10.62 33.50 -1.14
C VAL B 40 -11.48 34.53 -1.84
N LYS B 41 -12.77 34.22 -2.00
CA LYS B 41 -13.69 35.10 -2.71
C LYS B 41 -13.90 36.41 -1.95
N ILE B 42 -14.17 37.47 -2.70
CA ILE B 42 -14.54 38.75 -2.09
C ILE B 42 -15.98 38.71 -1.59
N ASN B 43 -16.92 38.32 -2.46
CA ASN B 43 -18.29 38.06 -2.07
C ASN B 43 -18.81 36.89 -2.89
N ASN B 44 -20.09 36.56 -2.70
CA ASN B 44 -20.67 35.36 -3.28
C ASN B 44 -21.37 35.62 -4.62
N SER B 45 -21.13 36.77 -5.24
CA SER B 45 -21.65 37.02 -6.58
C SER B 45 -20.52 37.21 -7.59
N THR B 46 -19.53 38.04 -7.28
CA THR B 46 -18.41 38.22 -8.18
C THR B 46 -17.49 36.99 -8.13
N ASN B 47 -16.87 36.69 -9.26
CA ASN B 47 -15.80 35.72 -9.29
C ASN B 47 -14.48 36.29 -8.79
N GLU B 48 -14.49 37.55 -8.33
CA GLU B 48 -13.28 38.20 -7.87
C GLU B 48 -12.87 37.66 -6.50
N GLY B 49 -11.56 37.48 -6.32
CA GLY B 49 -11.05 37.00 -5.05
C GLY B 49 -9.60 37.42 -4.90
N MET B 50 -9.01 36.98 -3.78
CA MET B 50 -7.64 37.33 -3.45
C MET B 50 -6.92 36.12 -2.89
N ASN B 51 -5.66 35.96 -3.28
CA ASN B 51 -4.83 34.87 -2.78
C ASN B 51 -4.29 35.25 -1.40
N VAL B 52 -4.92 34.74 -0.35
CA VAL B 52 -4.36 34.88 0.99
C VAL B 52 -3.20 33.91 1.13
N LYS B 53 -2.13 34.37 1.77
CA LYS B 53 -0.89 33.61 1.85
C LYS B 53 -0.76 32.99 3.24
N LYS B 54 -0.81 31.67 3.30
CA LYS B 54 -0.77 30.93 4.56
C LYS B 54 0.49 30.06 4.60
N CYS B 55 0.56 29.20 5.61
CA CYS B 55 1.71 28.32 5.81
C CYS B 55 1.20 26.90 6.01
N CYS B 56 1.77 25.96 5.27
CA CYS B 56 1.35 24.57 5.29
C CYS B 56 2.44 23.68 5.88
N LYS B 57 2.01 22.68 6.65
CA LYS B 57 2.92 21.72 7.26
C LYS B 57 2.19 20.39 7.40
N GLY B 58 2.96 19.35 7.71
CA GLY B 58 2.40 18.05 7.96
C GLY B 58 3.20 16.97 7.27
N PHE B 59 2.64 15.76 7.27
CA PHE B 59 3.30 14.61 6.66
C PHE B 59 3.54 14.85 5.17
N CYS B 60 2.46 15.03 4.42
CA CYS B 60 2.58 15.20 2.97
C CYS B 60 3.32 16.47 2.58
N ILE B 61 3.42 17.44 3.49
CA ILE B 61 4.14 18.66 3.19
C ILE B 61 5.64 18.41 3.20
N ASP B 62 6.14 17.68 4.20
CA ASP B 62 7.55 17.32 4.21
C ASP B 62 7.88 16.36 3.09
N ILE B 63 6.95 15.45 2.77
CA ILE B 63 7.11 14.58 1.59
C ILE B 63 7.36 15.43 0.35
N LEU B 64 6.61 16.53 0.22
CA LEU B 64 6.82 17.44 -0.90
C LEU B 64 8.20 18.07 -0.85
N LYS B 65 8.67 18.42 0.36
CA LYS B 65 9.98 19.05 0.49
C LYS B 65 11.09 18.08 0.14
N LYS B 66 11.02 16.84 0.65
CA LYS B 66 12.04 15.85 0.34
C LYS B 66 12.11 15.57 -1.15
N LEU B 67 10.95 15.46 -1.80
CA LEU B 67 10.93 15.32 -3.25
C LEU B 67 11.38 16.59 -3.95
N SER B 68 11.13 17.75 -3.34
CA SER B 68 11.60 19.00 -3.92
C SER B 68 13.12 19.09 -3.92
N ARG B 69 13.77 18.44 -2.95
CA ARG B 69 15.23 18.45 -2.90
C ARG B 69 15.83 17.41 -3.83
N THR B 70 15.36 16.16 -3.73
CA THR B 70 15.97 15.08 -4.50
C THR B 70 15.68 15.21 -5.98
N VAL B 71 14.41 15.45 -6.34
CA VAL B 71 14.04 15.61 -7.75
C VAL B 71 14.44 16.98 -8.30
N LYS B 72 14.80 17.93 -7.43
CA LYS B 72 15.29 19.24 -7.82
C LYS B 72 14.24 20.00 -8.62
N PHE B 73 13.21 20.46 -7.92
CA PHE B 73 12.21 21.29 -8.56
C PHE B 73 11.66 22.31 -7.56
N THR B 74 11.42 23.51 -8.04
CA THR B 74 10.73 24.54 -7.28
C THR B 74 9.22 24.42 -7.50
N TYR B 75 8.46 25.12 -6.67
CA TYR B 75 7.01 24.99 -6.72
C TYR B 75 6.36 26.17 -5.99
N ASP B 76 5.15 26.50 -6.40
CA ASP B 76 4.22 27.22 -5.55
C ASP B 76 3.18 26.24 -5.03
N LEU B 77 2.69 26.50 -3.83
CA LEU B 77 1.70 25.64 -3.20
C LEU B 77 0.40 26.43 -3.04
N TYR B 78 -0.71 25.82 -3.43
CA TYR B 78 -2.01 26.46 -3.29
C TYR B 78 -3.05 25.44 -2.86
N LEU B 79 -3.98 25.88 -2.03
CA LEU B 79 -5.05 25.04 -1.54
C LEU B 79 -6.21 25.01 -2.54
N VAL B 80 -6.78 23.83 -2.73
CA VAL B 80 -7.91 23.68 -3.64
C VAL B 80 -9.13 24.35 -3.04
N THR B 81 -9.90 25.06 -3.88
CA THR B 81 -11.12 25.72 -3.46
C THR B 81 -12.37 25.20 -4.15
N ASN B 82 -12.24 24.54 -5.30
CA ASN B 82 -13.38 23.96 -6.00
C ASN B 82 -13.49 22.50 -5.57
N GLY B 83 -14.17 22.27 -4.46
CA GLY B 83 -14.31 20.93 -3.91
C GLY B 83 -13.22 20.60 -2.91
N LYS B 84 -12.94 19.31 -2.74
CA LYS B 84 -11.92 18.88 -1.79
C LYS B 84 -10.92 17.94 -2.45
N HIS B 85 -11.05 16.64 -2.17
CA HIS B 85 -10.11 15.67 -2.75
C HIS B 85 -10.38 15.47 -4.23
N GLY B 86 -11.65 15.32 -4.61
CA GLY B 86 -11.99 15.14 -6.00
C GLY B 86 -13.21 14.25 -6.22
N LYS B 87 -14.13 14.70 -7.06
CA LYS B 87 -15.31 13.92 -7.39
C LYS B 87 -15.74 14.23 -8.82
N LYS B 88 -16.13 13.20 -9.55
CA LYS B 88 -16.61 13.35 -10.92
C LYS B 88 -18.08 13.69 -10.88
N VAL B 89 -18.40 14.96 -11.13
CA VAL B 89 -19.77 15.47 -11.10
C VAL B 89 -20.18 15.79 -12.53
N ASN B 90 -21.17 15.06 -13.04
CA ASN B 90 -21.63 15.19 -14.42
C ASN B 90 -20.47 15.00 -15.40
N ASN B 91 -19.67 13.97 -15.15
CA ASN B 91 -18.50 13.65 -15.96
C ASN B 91 -17.48 14.79 -15.95
N VAL B 92 -17.45 15.56 -14.87
CA VAL B 92 -16.49 16.65 -14.68
C VAL B 92 -15.87 16.49 -13.30
N TRP B 93 -14.54 16.44 -13.25
CA TRP B 93 -13.82 16.25 -12.00
C TRP B 93 -13.57 17.57 -11.30
N ASN B 94 -13.77 17.57 -9.98
CA ASN B 94 -13.46 18.74 -9.16
C ASN B 94 -12.35 18.40 -8.18
N GLY B 95 -12.18 19.22 -7.15
CA GLY B 95 -11.20 18.95 -6.12
C GLY B 95 -9.76 18.96 -6.63
N MET B 96 -8.89 18.29 -5.88
CA MET B 96 -7.49 18.21 -6.27
C MET B 96 -7.32 17.44 -7.57
N ILE B 97 -8.14 16.40 -7.77
CA ILE B 97 -8.08 15.63 -9.00
C ILE B 97 -8.39 16.51 -10.21
N GLY B 98 -9.43 17.34 -10.10
CA GLY B 98 -9.78 18.22 -11.19
C GLY B 98 -8.71 19.26 -11.50
N GLU B 99 -7.96 19.69 -10.48
CA GLU B 99 -6.90 20.66 -10.71
C GLU B 99 -5.79 20.06 -11.58
N VAL B 100 -5.53 18.77 -11.44
CA VAL B 100 -4.52 18.12 -12.27
C VAL B 100 -5.10 17.74 -13.65
N VAL B 101 -6.38 17.40 -13.69
CA VAL B 101 -7.01 17.00 -14.95
C VAL B 101 -6.99 18.16 -15.95
N TYR B 102 -7.30 19.37 -15.48
CA TYR B 102 -7.43 20.53 -16.35
C TYR B 102 -6.18 21.40 -16.37
N GLN B 103 -5.03 20.84 -15.99
CA GLN B 103 -3.72 21.46 -16.21
C GLN B 103 -3.58 22.79 -15.47
N ARG B 104 -4.14 22.88 -14.27
CA ARG B 104 -3.87 23.98 -13.38
C ARG B 104 -2.90 23.62 -12.26
N ALA B 105 -2.59 22.34 -12.12
CA ALA B 105 -1.61 21.87 -11.14
C ALA B 105 -0.86 20.70 -11.75
N VAL B 106 0.47 20.76 -11.71
CA VAL B 106 1.27 19.68 -12.27
C VAL B 106 1.11 18.40 -11.44
N MET B 107 1.11 18.53 -10.12
CA MET B 107 0.91 17.39 -9.23
C MET B 107 0.03 17.80 -8.06
N ALA B 108 -0.52 16.79 -7.38
CA ALA B 108 -1.39 16.99 -6.23
C ALA B 108 -0.81 16.27 -5.03
N VAL B 109 -0.70 16.97 -3.92
CA VAL B 109 -0.08 16.45 -2.70
C VAL B 109 -1.09 16.50 -1.57
N GLY B 110 -1.20 15.41 -0.83
CA GLY B 110 -2.06 15.37 0.33
C GLY B 110 -2.60 13.96 0.53
N SER B 111 -3.66 13.88 1.34
CA SER B 111 -4.32 12.61 1.65
C SER B 111 -5.25 12.21 0.50
N LEU B 112 -4.65 12.04 -0.68
CA LEU B 112 -5.39 11.75 -1.91
C LEU B 112 -5.40 10.24 -2.12
N THR B 113 -6.55 9.63 -1.84
CA THR B 113 -6.68 8.18 -1.96
C THR B 113 -6.59 7.74 -3.43
N ILE B 114 -5.84 6.67 -3.67
CA ILE B 114 -5.72 6.11 -5.01
C ILE B 114 -6.83 5.09 -5.22
N ASN B 115 -7.70 5.35 -6.18
CA ASN B 115 -8.71 4.38 -6.60
C ASN B 115 -8.67 4.24 -8.11
N GLU B 116 -9.52 3.36 -8.64
CA GLU B 116 -9.42 2.98 -10.04
C GLU B 116 -9.89 4.08 -10.97
N GLU B 117 -11.02 4.74 -10.65
CA GLU B 117 -11.60 5.70 -11.57
C GLU B 117 -10.75 6.96 -11.71
N ARG B 118 -9.86 7.24 -10.76
CA ARG B 118 -8.98 8.40 -10.89
C ARG B 118 -7.77 8.09 -11.76
N SER B 119 -7.23 6.87 -11.66
CA SER B 119 -6.13 6.47 -12.51
C SER B 119 -6.52 6.45 -13.98
N GLU B 120 -7.81 6.51 -14.30
CA GLU B 120 -8.24 6.67 -15.68
C GLU B 120 -7.98 8.07 -16.19
N VAL B 121 -7.96 9.06 -15.30
CA VAL B 121 -7.82 10.46 -15.71
C VAL B 121 -6.50 11.08 -15.26
N VAL B 122 -5.85 10.56 -14.21
CA VAL B 122 -4.58 11.06 -13.75
C VAL B 122 -3.63 9.89 -13.57
N ASP B 123 -2.35 10.21 -13.32
CA ASP B 123 -1.32 9.23 -13.03
C ASP B 123 -0.93 9.35 -11.57
N PHE B 124 -1.03 8.24 -10.84
CA PHE B 124 -0.71 8.22 -9.42
C PHE B 124 0.69 7.72 -9.18
N SER B 125 1.34 8.28 -8.16
CA SER B 125 2.66 7.82 -7.76
C SER B 125 2.53 6.53 -6.95
N VAL B 126 3.67 6.00 -6.51
CA VAL B 126 3.64 4.83 -5.63
C VAL B 126 2.98 5.20 -4.32
N PRO B 127 2.05 4.40 -3.79
CA PRO B 127 1.42 4.74 -2.51
C PRO B 127 2.46 4.83 -1.39
N PHE B 128 2.51 5.99 -0.75
CA PHE B 128 3.47 6.22 0.33
C PHE B 128 2.83 6.23 1.72
N VAL B 129 1.51 6.18 1.80
CA VAL B 129 0.80 6.08 3.08
C VAL B 129 -0.32 5.06 2.90
N GLU B 130 -0.17 3.90 3.52
CA GLU B 130 -1.20 2.86 3.43
C GLU B 130 -2.49 3.37 4.07
N THR B 131 -3.60 3.14 3.38
CA THR B 131 -4.90 3.56 3.87
C THR B 131 -5.98 2.67 3.25
N GLY B 132 -7.23 3.05 3.44
CA GLY B 132 -8.36 2.31 2.92
C GLY B 132 -9.66 2.79 3.53
N ILE B 133 -10.55 1.87 3.87
CA ILE B 133 -11.82 2.19 4.50
C ILE B 133 -11.90 1.43 5.81
N SER B 134 -12.06 2.16 6.91
CA SER B 134 -12.18 1.58 8.23
C SER B 134 -13.43 2.13 8.92
N VAL B 135 -13.81 1.47 10.01
CA VAL B 135 -14.98 1.84 10.80
C VAL B 135 -14.50 2.29 12.17
N MET B 136 -15.02 3.41 12.64
CA MET B 136 -14.70 3.94 13.97
C MET B 136 -15.97 3.95 14.83
N VAL B 137 -15.87 3.38 16.03
CA VAL B 137 -16.95 3.35 17.00
C VAL B 137 -16.41 3.80 18.35
N SER B 138 -17.33 4.05 19.28
CA SER B 138 -16.94 4.48 20.61
C SER B 138 -18.05 4.30 21.65
N ARG B 139 -18.19 3.11 22.24
CA ARG B 139 -17.40 1.91 21.96
C ARG B 139 -18.21 0.73 22.48
N GLY B 140 -17.76 -0.50 22.24
CA GLY B 140 -18.43 -1.68 22.73
C GLY B 140 -19.25 -2.35 21.66
N THR B 141 -18.59 -2.70 20.55
CA THR B 141 -19.27 -3.25 19.39
C THR B 141 -18.75 -4.64 19.09
N GLN B 142 -19.61 -5.44 18.44
CA GLN B 142 -19.25 -6.77 17.98
C GLN B 142 -19.36 -6.91 16.47
N VAL B 143 -19.58 -5.80 15.76
CA VAL B 143 -19.71 -5.86 14.31
C VAL B 143 -18.36 -6.22 13.69
N THR B 144 -18.41 -7.02 12.63
CA THR B 144 -17.19 -7.48 11.98
C THR B 144 -16.56 -6.39 11.12
N GLY B 145 -17.38 -5.59 10.44
CA GLY B 145 -16.87 -4.52 9.60
C GLY B 145 -17.97 -4.03 8.66
N LEU B 146 -17.54 -3.60 7.48
CA LEU B 146 -18.50 -3.14 6.48
C LEU B 146 -19.33 -4.28 5.92
N SER B 147 -18.73 -5.46 5.76
CA SER B 147 -19.50 -6.60 5.31
C SER B 147 -20.39 -7.19 6.39
N ASP B 148 -20.28 -6.70 7.63
CA ASP B 148 -21.22 -7.08 8.66
C ASP B 148 -22.63 -6.74 8.22
N LYS B 149 -23.57 -7.63 8.56
CA LYS B 149 -24.93 -7.50 8.03
C LYS B 149 -25.53 -6.15 8.42
N LYS B 150 -25.22 -5.65 9.62
CA LYS B 150 -25.89 -4.46 10.14
C LYS B 150 -25.66 -3.24 9.26
N PHE B 151 -24.52 -3.19 8.57
CA PHE B 151 -24.31 -2.15 7.57
C PHE B 151 -24.97 -2.52 6.25
N GLN B 152 -24.93 -3.80 5.89
CA GLN B 152 -25.52 -4.25 4.63
C GLN B 152 -27.04 -4.04 4.63
N ARG B 153 -27.73 -4.70 5.56
CA ARG B 153 -29.17 -4.56 5.72
C ARG B 153 -29.45 -3.92 7.08
N PRO B 154 -29.47 -2.59 7.16
CA PRO B 154 -29.68 -1.92 8.46
C PRO B 154 -31.05 -2.20 9.06
N HIS B 155 -32.11 -2.03 8.26
CA HIS B 155 -33.47 -2.10 8.78
C HIS B 155 -33.90 -3.50 9.22
N ASP B 156 -33.05 -4.51 9.10
CA ASP B 156 -33.40 -5.80 9.68
C ASP B 156 -33.35 -5.77 11.21
N TYR B 157 -33.10 -4.62 11.83
CA TYR B 157 -33.20 -4.45 13.28
C TYR B 157 -34.22 -3.37 13.61
N SER B 158 -34.75 -3.49 14.81
CA SER B 158 -35.60 -2.46 15.35
C SER B 158 -35.03 -2.01 16.68
N PRO B 159 -34.35 -0.85 16.73
CA PRO B 159 -33.90 0.09 15.69
C PRO B 159 -32.71 -0.40 14.85
N PRO B 160 -32.47 0.22 13.69
CA PRO B 160 -31.26 -0.08 12.93
C PRO B 160 -30.08 0.74 13.43
N PHE B 161 -28.89 0.34 12.98
CA PHE B 161 -27.67 1.04 13.35
C PHE B 161 -27.58 2.38 12.62
N ARG B 162 -26.98 3.36 13.28
CA ARG B 162 -26.88 4.72 12.76
C ARG B 162 -25.42 5.02 12.47
N PHE B 163 -25.04 4.85 11.20
CA PHE B 163 -23.66 5.01 10.76
C PHE B 163 -23.62 5.90 9.52
N GLY B 164 -22.57 6.71 9.42
CA GLY B 164 -22.46 7.66 8.33
C GLY B 164 -21.02 7.87 7.90
N THR B 165 -20.84 8.70 6.88
CA THR B 165 -19.54 9.04 6.34
C THR B 165 -19.53 10.50 5.94
N VAL B 166 -18.38 10.99 5.52
CA VAL B 166 -18.26 12.30 4.88
C VAL B 166 -18.35 12.09 3.38
N PRO B 167 -19.35 12.64 2.70
CA PRO B 167 -19.58 12.29 1.29
C PRO B 167 -18.56 12.92 0.34
N ASN B 168 -18.72 12.62 -0.95
CA ASN B 168 -17.93 13.17 -2.06
C ASN B 168 -16.48 12.70 -2.06
N GLY B 169 -16.13 11.72 -1.24
CA GLY B 169 -14.78 11.19 -1.18
C GLY B 169 -14.65 9.82 -1.80
N SER B 170 -13.48 9.23 -1.62
CA SER B 170 -13.24 7.88 -2.11
C SER B 170 -13.99 6.83 -1.30
N THR B 171 -14.33 7.13 -0.05
CA THR B 171 -15.04 6.16 0.78
C THR B 171 -16.49 6.01 0.31
N GLU B 172 -17.21 7.13 0.19
CA GLU B 172 -18.60 7.06 -0.27
C GLU B 172 -18.68 6.55 -1.71
N ARG B 173 -17.68 6.88 -2.54
CA ARG B 173 -17.67 6.39 -3.91
C ARG B 173 -17.56 4.87 -3.96
N ASN B 174 -16.86 4.27 -3.00
CA ASN B 174 -16.69 2.82 -2.98
C ASN B 174 -17.94 2.12 -2.48
N ILE B 175 -18.57 2.65 -1.42
CA ILE B 175 -19.76 2.02 -0.86
C ILE B 175 -20.94 2.14 -1.81
N ARG B 176 -21.02 3.23 -2.58
CA ARG B 176 -22.08 3.38 -3.55
C ARG B 176 -21.98 2.33 -4.66
N ASN B 177 -20.76 2.07 -5.14
CA ASN B 177 -20.58 1.08 -6.19
CA ASN B 177 -20.58 1.08 -6.19
C ASN B 177 -20.75 -0.34 -5.67
N ASN B 178 -20.37 -0.60 -4.43
CA ASN B 178 -20.41 -1.95 -3.88
C ASN B 178 -21.72 -2.27 -3.16
N TYR B 179 -22.23 -1.35 -2.32
CA TYR B 179 -23.41 -1.60 -1.51
C TYR B 179 -24.46 -0.55 -1.81
N PRO B 180 -25.33 -0.79 -2.80
CA PRO B 180 -26.35 0.23 -3.13
C PRO B 180 -27.34 0.49 -2.01
N TYR B 181 -27.75 -0.54 -1.27
CA TYR B 181 -28.71 -0.33 -0.20
C TYR B 181 -28.08 0.34 1.01
N MET B 182 -26.86 -0.05 1.37
CA MET B 182 -26.16 0.60 2.46
C MET B 182 -25.91 2.06 2.16
N HIS B 183 -25.55 2.37 0.91
CA HIS B 183 -25.23 3.75 0.54
C HIS B 183 -26.42 4.67 0.69
N GLN B 184 -27.58 4.27 0.14
CA GLN B 184 -28.77 5.11 0.24
C GLN B 184 -29.29 5.20 1.66
N TYR B 185 -28.85 4.30 2.55
CA TYR B 185 -29.21 4.41 3.96
C TYR B 185 -28.29 5.37 4.72
N MET B 186 -27.03 5.46 4.31
CA MET B 186 -26.06 6.33 4.97
C MET B 186 -26.28 7.80 4.67
N THR B 187 -27.07 8.13 3.65
CA THR B 187 -27.18 9.52 3.21
C THR B 187 -27.75 10.41 4.30
N ARG B 188 -28.63 9.89 5.15
CA ARG B 188 -29.18 10.70 6.24
C ARG B 188 -28.17 10.92 7.36
N PHE B 189 -27.12 10.11 7.42
CA PHE B 189 -26.09 10.22 8.45
C PHE B 189 -24.80 10.81 7.91
N ASN B 190 -24.85 11.43 6.73
CA ASN B 190 -23.66 12.05 6.16
C ASN B 190 -23.17 13.20 7.04
N GLN B 191 -21.89 13.18 7.38
CA GLN B 191 -21.28 14.22 8.20
C GLN B 191 -20.56 15.22 7.32
N ARG B 192 -20.56 16.49 7.75
CA ARG B 192 -19.92 17.54 6.97
C ARG B 192 -18.40 17.45 7.02
N GLY B 193 -17.84 16.85 8.06
CA GLY B 193 -16.40 16.73 8.18
C GLY B 193 -16.04 15.69 9.21
N VAL B 194 -14.72 15.50 9.38
CA VAL B 194 -14.24 14.52 10.35
C VAL B 194 -14.52 14.97 11.77
N GLU B 195 -14.40 16.28 12.04
CA GLU B 195 -14.62 16.78 13.39
C GLU B 195 -16.08 16.65 13.80
N ASP B 196 -17.00 16.86 12.87
CA ASP B 196 -18.42 16.68 13.18
C ASP B 196 -18.76 15.23 13.45
N ALA B 197 -18.09 14.30 12.75
CA ALA B 197 -18.38 12.88 12.94
C ALA B 197 -17.90 12.40 14.31
N LEU B 198 -16.71 12.84 14.73
CA LEU B 198 -16.21 12.46 16.05
C LEU B 198 -17.13 12.97 17.16
N VAL B 199 -17.60 14.21 17.03
CA VAL B 199 -18.53 14.75 18.01
C VAL B 199 -19.82 13.92 18.05
N SER B 200 -20.34 13.56 16.87
CA SER B 200 -21.55 12.75 16.81
C SER B 200 -21.35 11.39 17.45
N LEU B 201 -20.15 10.82 17.35
CA LEU B 201 -19.89 9.52 17.96
C LEU B 201 -19.88 9.62 19.49
N LYS B 202 -19.16 10.61 20.02
CA LYS B 202 -19.02 10.73 21.46
C LYS B 202 -20.27 11.27 22.14
N THR B 203 -21.16 11.94 21.40
CA THR B 203 -22.42 12.42 21.96
C THR B 203 -23.53 11.41 21.83
N GLY B 204 -23.27 10.24 21.24
CA GLY B 204 -24.28 9.22 21.08
C GLY B 204 -25.21 9.41 19.90
N LYS B 205 -25.03 10.46 19.09
CA LYS B 205 -25.88 10.67 17.93
C LYS B 205 -25.49 9.80 16.75
N LEU B 206 -24.26 9.29 16.73
CA LEU B 206 -23.80 8.41 15.66
C LEU B 206 -23.16 7.18 16.28
N ASP B 207 -23.45 6.01 15.70
CA ASP B 207 -22.96 4.75 16.22
C ASP B 207 -21.63 4.34 15.60
N ALA B 208 -21.45 4.62 14.31
CA ALA B 208 -20.22 4.27 13.61
C ALA B 208 -19.93 5.30 12.55
N PHE B 209 -18.64 5.53 12.30
CA PHE B 209 -18.19 6.48 11.29
C PHE B 209 -17.27 5.75 10.31
N ILE B 210 -17.69 5.71 9.05
CA ILE B 210 -16.94 5.05 8.00
C ILE B 210 -16.16 6.11 7.23
N TYR B 211 -14.83 5.99 7.21
CA TYR B 211 -14.00 7.02 6.62
C TYR B 211 -12.66 6.41 6.25
N ASP B 212 -11.78 7.27 5.70
CA ASP B 212 -10.42 6.86 5.35
C ASP B 212 -9.71 6.24 6.54
N ALA B 213 -9.03 5.13 6.28
CA ALA B 213 -8.42 4.35 7.37
C ALA B 213 -7.28 5.12 8.03
N ALA B 214 -6.47 5.82 7.23
CA ALA B 214 -5.30 6.50 7.78
C ALA B 214 -5.70 7.61 8.76
N VAL B 215 -6.74 8.39 8.40
CA VAL B 215 -7.18 9.47 9.28
C VAL B 215 -7.79 8.93 10.55
N LEU B 216 -8.59 7.86 10.44
CA LEU B 216 -9.23 7.29 11.62
C LEU B 216 -8.19 6.72 12.58
N ASN B 217 -7.18 6.02 12.06
CA ASN B 217 -6.12 5.50 12.92
C ASN B 217 -5.37 6.62 13.61
N TYR B 218 -5.22 7.77 12.95
CA TYR B 218 -4.58 8.92 13.58
C TYR B 218 -5.45 9.50 14.68
N LYS B 219 -6.74 9.72 14.39
CA LYS B 219 -7.64 10.29 15.38
C LYS B 219 -7.87 9.34 16.55
N ALA B 220 -7.87 8.02 16.29
CA ALA B 220 -8.04 7.07 17.38
C ALA B 220 -6.84 7.05 18.32
N GLY B 221 -5.64 7.26 17.78
CA GLY B 221 -4.45 7.28 18.61
C GLY B 221 -4.28 8.53 19.45
N ARG B 222 -5.06 9.58 19.19
CA ARG B 222 -4.98 10.82 19.94
C ARG B 222 -6.30 11.15 20.61
N ASP B 223 -7.04 10.13 21.03
CA ASP B 223 -8.32 10.33 21.70
C ASP B 223 -8.15 10.40 23.20
N GLU B 224 -8.84 11.36 23.82
CA GLU B 224 -8.76 11.55 25.27
C GLU B 224 -9.45 10.38 25.96
N GLY B 225 -8.66 9.48 26.54
CA GLY B 225 -9.19 8.33 27.23
C GLY B 225 -9.19 7.04 26.42
N CYS B 226 -8.77 7.09 25.15
CA CYS B 226 -8.70 5.91 24.30
C CYS B 226 -10.06 5.25 24.15
N LYS B 227 -11.05 6.03 23.72
CA LYS B 227 -12.40 5.53 23.53
C LYS B 227 -12.72 5.27 22.06
N LEU B 228 -12.28 6.14 21.17
CA LEU B 228 -12.45 5.89 19.74
C LEU B 228 -11.52 4.77 19.31
N VAL B 229 -12.08 3.74 18.67
CA VAL B 229 -11.32 2.62 18.17
C VAL B 229 -11.79 2.28 16.76
N THR B 230 -10.87 1.78 15.95
CA THR B 230 -11.21 1.19 14.66
C THR B 230 -11.40 -0.30 14.86
N ILE B 231 -12.48 -0.84 14.30
CA ILE B 231 -12.83 -2.23 14.57
C ILE B 231 -11.99 -3.16 13.71
N GLY B 232 -11.92 -4.42 14.13
CA GLY B 232 -10.87 -5.29 13.66
C GLY B 232 -9.52 -4.99 14.27
N SER B 233 -9.48 -4.10 15.27
CA SER B 233 -8.24 -3.60 15.84
C SER B 233 -7.35 -3.01 14.75
N GLY B 234 -7.98 -2.38 13.76
CA GLY B 234 -7.29 -1.80 12.64
C GLY B 234 -7.53 -2.46 11.30
N TYR B 235 -8.65 -3.13 11.11
CA TYR B 235 -8.93 -3.77 9.83
C TYR B 235 -9.22 -2.71 8.76
N ILE B 236 -8.85 -3.03 7.52
CA ILE B 236 -8.95 -2.09 6.40
C ILE B 236 -9.59 -2.80 5.22
N PHE B 237 -10.65 -2.21 4.70
CA PHE B 237 -11.31 -2.70 3.49
C PHE B 237 -10.85 -1.86 2.30
N ALA B 238 -10.74 -2.51 1.15
CA ALA B 238 -10.26 -1.88 -0.10
C ALA B 238 -8.92 -1.19 0.14
N THR B 239 -7.92 -2.01 0.46
CA THR B 239 -6.60 -1.50 0.82
C THR B 239 -5.99 -0.72 -0.34
N THR B 240 -5.50 0.48 -0.03
CA THR B 240 -4.86 1.33 -1.05
C THR B 240 -3.88 2.25 -0.33
N GLY B 241 -3.63 3.42 -0.93
CA GLY B 241 -2.74 4.38 -0.31
C GLY B 241 -2.90 5.76 -0.90
N TYR B 242 -2.30 6.73 -0.22
CA TYR B 242 -2.20 8.08 -0.75
C TYR B 242 -1.13 8.12 -1.84
N GLY B 243 -1.37 8.91 -2.88
CA GLY B 243 -0.45 8.98 -3.99
C GLY B 243 -0.43 10.36 -4.60
N ILE B 244 0.75 10.74 -5.11
CA ILE B 244 0.91 12.02 -5.80
C ILE B 244 0.23 11.91 -7.16
N ALA B 245 -0.87 12.64 -7.33
CA ALA B 245 -1.60 12.62 -8.59
C ALA B 245 -0.92 13.55 -9.60
N LEU B 246 -0.41 12.98 -10.67
CA LEU B 246 0.26 13.73 -11.72
C LEU B 246 -0.58 13.71 -13.00
N GLN B 247 -0.11 14.47 -13.99
CA GLN B 247 -0.75 14.46 -15.30
C GLN B 247 -0.59 13.09 -15.94
N LYS B 248 -1.52 12.77 -16.84
CA LYS B 248 -1.45 11.51 -17.58
C LYS B 248 -0.35 11.62 -18.62
N GLY B 249 0.72 10.84 -18.44
CA GLY B 249 1.91 10.99 -19.24
C GLY B 249 2.90 12.02 -18.73
N SER B 250 2.88 12.30 -17.44
CA SER B 250 3.74 13.35 -16.90
C SER B 250 5.20 12.90 -16.88
N PRO B 251 6.12 13.77 -17.30
CA PRO B 251 7.55 13.42 -17.23
C PRO B 251 8.11 13.44 -15.82
N TRP B 252 7.34 13.86 -14.82
CA TRP B 252 7.76 13.82 -13.43
C TRP B 252 7.42 12.51 -12.75
N LYS B 253 6.75 11.60 -13.46
CA LYS B 253 6.38 10.29 -12.93
C LYS B 253 7.58 9.39 -12.69
N ARG B 254 8.76 9.73 -13.22
CA ARG B 254 9.90 8.82 -13.18
C ARG B 254 10.76 8.97 -11.92
N GLN B 255 10.84 10.15 -11.31
CA GLN B 255 11.64 10.32 -10.10
C GLN B 255 10.82 10.27 -8.82
N ILE B 256 9.62 10.84 -8.83
CA ILE B 256 8.79 10.89 -7.61
CA ILE B 256 8.80 10.89 -7.61
C ILE B 256 8.67 9.50 -7.01
N ASP B 257 8.41 8.49 -7.83
CA ASP B 257 8.31 7.12 -7.32
C ASP B 257 9.67 6.58 -6.94
N LEU B 258 10.68 6.77 -7.82
CA LEU B 258 12.02 6.29 -7.51
C LEU B 258 12.57 6.97 -6.26
N ALA B 259 12.23 8.23 -6.03
CA ALA B 259 12.68 8.92 -4.82
C ALA B 259 11.81 8.61 -3.61
N LEU B 260 10.50 8.40 -3.83
CA LEU B 260 9.66 7.91 -2.73
C LEU B 260 10.10 6.53 -2.29
N LEU B 261 10.28 5.61 -3.24
CA LEU B 261 10.82 4.29 -2.93
C LEU B 261 12.19 4.40 -2.28
N GLN B 262 12.97 5.43 -2.64
CA GLN B 262 14.21 5.69 -1.93
C GLN B 262 13.95 6.08 -0.48
N PHE B 263 12.96 6.94 -0.24
CA PHE B 263 12.64 7.36 1.12
C PHE B 263 12.25 6.18 2.00
N VAL B 264 11.65 5.15 1.41
CA VAL B 264 11.26 3.97 2.18
C VAL B 264 12.49 3.19 2.61
N GLY B 265 13.30 2.76 1.64
CA GLY B 265 14.51 2.01 1.94
C GLY B 265 15.56 2.82 2.67
N ASP B 266 15.49 4.15 2.61
CA ASP B 266 16.44 4.99 3.33
C ASP B 266 16.17 4.96 4.82
N GLY B 267 14.91 4.93 5.22
CA GLY B 267 14.53 5.10 6.60
C GLY B 267 14.02 6.48 6.94
N GLU B 268 13.46 7.20 5.97
CA GLU B 268 12.96 8.55 6.19
C GLU B 268 11.45 8.61 6.33
N MET B 269 10.72 7.72 5.66
CA MET B 269 9.29 7.61 5.90
C MET B 269 8.99 7.23 7.34
N GLU B 270 9.89 6.47 7.96
CA GLU B 270 9.72 6.10 9.36
C GLU B 270 9.76 7.33 10.26
N GLU B 271 10.62 8.29 9.94
CA GLU B 271 10.71 9.52 10.72
C GLU B 271 9.39 10.27 10.71
N LEU B 272 8.88 10.58 9.52
CA LEU B 272 7.62 11.31 9.42
C LEU B 272 6.45 10.49 9.94
N GLU B 273 6.58 9.16 9.94
CA GLU B 273 5.56 8.33 10.57
C GLU B 273 5.58 8.49 12.09
N THR B 274 6.77 8.51 12.68
CA THR B 274 6.90 8.80 14.10
C THR B 274 6.86 10.28 14.41
N LEU B 275 6.95 11.14 13.39
CA LEU B 275 6.85 12.59 13.61
C LEU B 275 5.40 13.04 13.73
N TRP B 276 4.54 12.58 12.82
CA TRP B 276 3.19 13.11 12.69
C TRP B 276 2.10 12.14 13.11
N LEU B 277 2.35 10.83 13.05
CA LEU B 277 1.34 9.83 13.36
C LEU B 277 1.66 9.03 14.61
N THR B 278 2.57 9.53 15.45
CA THR B 278 2.80 8.92 16.75
C THR B 278 1.55 9.04 17.60
N GLY B 279 1.07 7.91 18.11
CA GLY B 279 -0.20 7.85 18.81
C GLY B 279 -0.01 7.68 20.32
N ILE B 280 -0.87 8.37 21.09
CA ILE B 280 -0.88 8.18 22.53
C ILE B 280 -1.64 6.92 22.90
N CYS B 281 -2.78 6.68 22.26
CA CYS B 281 -3.59 5.50 22.53
C CYS B 281 -3.21 4.34 21.61
N GLY C . 9.03 -10.67 -1.27
CA GLY C . 10.31 -11.31 -1.53
C GLY C . 11.10 -10.63 -2.63
O GLY C . 10.56 -9.98 -3.51
OXT GLY C . 12.34 -10.72 -2.66
N GLU D . -8.87 10.37 1.06
CA GLU D . -10.17 10.40 0.41
C GLU D . -10.06 10.78 -1.06
O GLU D . -11.04 10.78 -1.80
CB GLU D . -11.11 11.37 1.13
CG GLU D . -11.66 10.83 2.43
CD GLU D . -12.51 9.59 2.24
OE1 GLU D . -13.36 9.59 1.32
OE2 GLU D . -12.33 8.62 2.99
OXT GLU D . -8.97 11.08 -1.55
C01 67R E . 2.76 0.40 2.31
C02 67R E . 2.63 1.36 1.35
C03 67R E . 3.14 1.20 0.10
C04 67R E . 3.81 0.08 -0.17
C05 67R E . 3.95 -0.86 0.78
C06 67R E . 3.42 -0.69 2.03
C07 67R E . 6.53 1.33 -1.42
C08 67R E . 6.34 1.80 0.03
C09 67R E . 5.75 3.00 0.25
C10 67R E . 5.91 2.74 2.46
C11 67R E . 6.50 1.51 2.26
C12 67R E . 5.66 3.31 3.87
C13 67R E . 5.29 5.32 5.27
C14 67R E . 3.89 5.02 5.73
C15 67R E . 3.05 3.97 5.26
C16 67R E . 1.59 4.85 6.76
C17 67R E . 0.32 4.97 7.51
N18 67R E . 6.12 -0.01 -1.62
N19 67R E . 5.55 3.48 1.42
N20 67R E . 6.72 1.06 1.10
O21 67R E . 5.60 2.57 4.82
N22 67R E . 5.51 4.77 4.06
S23 67R E . 2.92 5.80 6.87
N24 67R E . 1.83 3.92 5.81
S25 67R E . 4.54 -0.23 -1.75
O26 67R E . 4.32 -1.69 -2.08
O27 67R E . 4.01 0.56 -2.79
CL 67R E . 1.76 2.74 1.77
F29 67R E . 2.25 0.60 3.47
#